data_6VFH
#
_entry.id   6VFH
#
loop_
_entity.id
_entity.type
_entity.pdbx_description
1 polymer T33_dn10A
2 polymer T33_dn10B
#
loop_
_entity_poly.entity_id
_entity_poly.type
_entity_poly.pdbx_seq_one_letter_code
_entity_poly.pdbx_strand_id
1 'polypeptide(L)'
;MGEEAELAYLLGELAYKLGEYRIAIRAYRIALKRDPNNAEAWYNLGNAYYKQGDYDEAIEYYQKALELDPNNAEAWYNLG
NAYYKQGDYDEAIEYYEKALELDPENLEALQNLLNAMDKQG
;
A
2 'polypeptide(L)'
;MIEEVVAEMIDILAESSKKSIEELARAADNKTTEKAVAEAIEEIARLATAAIQLIEALAKNLASEEFMARAISAIAELAK
KAIEAIYRLADNHTTDTFMARAIAAIANLAVTAILAIAALASNHTTEEFMARAISAIAELAKKAIEAIYRLADNHTTDKF
MAAAIEAIALLATLAILAIALLASNHTTEKFMARAIMAIAILAAKAIEAIYRLADNHTSPTYIEKAIEAIEKIARKAIKA
IEMLAKNITTEEYKEKAKKIIDIIRKLAKMAIKKLEDNRTLEHHHHHH
;
B
#
# COMPACT_ATOMS: atom_id res chain seq x y z
N GLU A 3 7.44 -16.69 47.14
CA GLU A 3 6.51 -16.74 46.02
C GLU A 3 7.23 -17.02 44.73
N GLU A 4 7.55 -18.28 44.49
CA GLU A 4 8.25 -18.64 43.27
C GLU A 4 7.50 -18.20 42.04
N ALA A 5 6.17 -18.26 42.07
CA ALA A 5 5.40 -17.85 40.92
C ALA A 5 5.65 -16.39 40.57
N GLU A 6 5.86 -15.53 41.57
CA GLU A 6 6.07 -14.14 41.24
C GLU A 6 7.47 -13.98 40.73
N LEU A 7 8.43 -14.69 41.31
CA LEU A 7 9.76 -14.53 40.79
C LEU A 7 9.84 -15.06 39.38
N ALA A 8 9.13 -16.14 39.08
CA ALA A 8 9.17 -16.65 37.73
C ALA A 8 8.61 -15.61 36.81
N TYR A 9 7.54 -14.94 37.24
CA TYR A 9 6.96 -13.91 36.44
C TYR A 9 7.94 -12.79 36.20
N LEU A 10 8.59 -12.32 37.26
CA LEU A 10 9.52 -11.22 37.14
C LEU A 10 10.71 -11.56 36.27
N LEU A 11 11.21 -12.78 36.37
CA LEU A 11 12.33 -13.13 35.53
C LEU A 11 11.88 -13.13 34.09
N GLY A 12 10.69 -13.66 33.85
CA GLY A 12 10.14 -13.69 32.52
C GLY A 12 10.01 -12.30 31.98
N GLU A 13 9.42 -11.40 32.73
CA GLU A 13 9.23 -10.06 32.24
C GLU A 13 10.56 -9.37 31.99
N LEU A 14 11.56 -9.56 32.85
CA LEU A 14 12.82 -8.89 32.60
C LEU A 14 13.45 -9.42 31.32
N ALA A 15 13.48 -10.73 31.15
CA ALA A 15 14.10 -11.28 29.96
C ALA A 15 13.36 -10.85 28.72
N TYR A 16 12.03 -10.79 28.81
CA TYR A 16 11.20 -10.41 27.68
C TYR A 16 11.54 -9.00 27.27
N LYS A 17 11.58 -8.10 28.24
CA LYS A 17 11.84 -6.70 27.96
C LYS A 17 13.19 -6.51 27.30
N LEU A 18 14.16 -7.33 27.68
CA LEU A 18 15.50 -7.25 27.14
C LEU A 18 15.66 -7.97 25.80
N GLY A 19 14.60 -8.61 25.30
CA GLY A 19 14.65 -9.32 24.03
C GLY A 19 15.13 -10.77 24.12
N GLU A 20 15.31 -11.27 25.32
CA GLU A 20 15.81 -12.61 25.51
C GLU A 20 14.65 -13.55 25.58
N TYR A 21 14.03 -13.76 24.44
CA TYR A 21 12.77 -14.47 24.38
C TYR A 21 12.92 -15.91 24.74
N ARG A 22 14.07 -16.50 24.49
CA ARG A 22 14.25 -17.89 24.87
C ARG A 22 14.10 -18.08 26.37
N ILE A 23 14.64 -17.13 27.14
CA ILE A 23 14.61 -17.18 28.57
C ILE A 23 13.25 -16.80 29.04
N ALA A 24 12.68 -15.77 28.42
CA ALA A 24 11.38 -15.32 28.84
C ALA A 24 10.37 -16.43 28.73
N ILE A 25 10.43 -17.24 27.67
CA ILE A 25 9.47 -18.31 27.52
C ILE A 25 9.60 -19.32 28.62
N ARG A 26 10.81 -19.76 28.93
CA ARG A 26 10.89 -20.75 29.97
C ARG A 26 10.41 -20.20 31.30
N ALA A 27 10.76 -18.96 31.61
CA ALA A 27 10.33 -18.40 32.88
C ALA A 27 8.81 -18.24 32.92
N TYR A 28 8.19 -17.87 31.81
CA TYR A 28 6.75 -17.73 31.85
C TYR A 28 6.08 -19.07 31.99
N ARG A 29 6.63 -20.10 31.37
CA ARG A 29 6.00 -21.39 31.52
C ARG A 29 5.96 -21.78 32.99
N ILE A 30 7.03 -21.48 33.73
CA ILE A 30 7.04 -21.80 35.15
C ILE A 30 6.01 -20.96 35.90
N ALA A 31 5.95 -19.66 35.61
CA ALA A 31 5.01 -18.81 36.31
C ALA A 31 3.57 -19.26 36.11
N LEU A 32 3.25 -19.67 34.89
CA LEU A 32 1.92 -20.14 34.56
C LEU A 32 1.62 -21.50 35.09
N LYS A 33 2.61 -22.37 35.13
CA LYS A 33 2.38 -23.68 35.69
C LYS A 33 1.91 -23.51 37.11
N ARG A 34 2.54 -22.60 37.84
CA ARG A 34 2.14 -22.34 39.20
C ARG A 34 0.85 -21.52 39.30
N ASP A 35 0.62 -20.59 38.37
CA ASP A 35 -0.59 -19.80 38.40
C ASP A 35 -1.22 -19.63 37.00
N PRO A 36 -2.10 -20.56 36.59
CA PRO A 36 -2.76 -20.62 35.32
C PRO A 36 -3.68 -19.44 35.04
N ASN A 37 -3.99 -18.62 36.06
CA ASN A 37 -4.90 -17.53 35.84
C ASN A 37 -4.18 -16.22 35.58
N ASN A 38 -2.87 -16.30 35.39
CA ASN A 38 -2.16 -15.07 35.14
C ASN A 38 -2.28 -14.69 33.66
N ALA A 39 -3.30 -13.91 33.36
CA ALA A 39 -3.60 -13.52 31.99
C ALA A 39 -2.47 -12.77 31.36
N GLU A 40 -1.79 -11.95 32.14
CA GLU A 40 -0.70 -11.17 31.60
C GLU A 40 0.44 -12.07 31.20
N ALA A 41 0.73 -13.07 32.02
CA ALA A 41 1.78 -13.99 31.65
C ALA A 41 1.36 -14.77 30.40
N TRP A 42 0.07 -15.13 30.26
CA TRP A 42 -0.32 -15.86 29.06
C TRP A 42 -0.10 -15.01 27.83
N TYR A 43 -0.46 -13.75 27.94
CA TYR A 43 -0.31 -12.81 26.86
C TYR A 43 1.14 -12.65 26.46
N ASN A 44 2.01 -12.41 27.43
CA ASN A 44 3.40 -12.25 27.10
C ASN A 44 4.05 -13.54 26.67
N LEU A 45 3.53 -14.67 27.12
CA LEU A 45 4.07 -15.90 26.65
C LEU A 45 3.78 -15.97 25.16
N GLY A 46 2.54 -15.65 24.79
CA GLY A 46 2.15 -15.67 23.39
C GLY A 46 2.96 -14.68 22.57
N ASN A 47 3.28 -13.52 23.15
CA ASN A 47 4.07 -12.55 22.44
C ASN A 47 5.46 -13.04 22.19
N ALA A 48 6.07 -13.71 23.15
CA ALA A 48 7.41 -14.18 22.90
C ALA A 48 7.40 -15.16 21.73
N TYR A 49 6.39 -16.01 21.64
CA TYR A 49 6.37 -16.92 20.52
C TYR A 49 6.14 -16.17 19.21
N TYR A 50 5.25 -15.19 19.25
CA TYR A 50 4.93 -14.39 18.08
C TYR A 50 6.21 -13.77 17.53
N LYS A 51 7.02 -13.20 18.42
CA LYS A 51 8.26 -12.55 18.04
C LYS A 51 9.22 -13.52 17.37
N GLN A 52 9.15 -14.79 17.75
CA GLN A 52 10.02 -15.80 17.18
C GLN A 52 9.45 -16.43 15.90
N GLY A 53 8.26 -16.03 15.48
CA GLY A 53 7.63 -16.60 14.29
C GLY A 53 6.83 -17.87 14.62
N ASP A 54 6.71 -18.15 15.89
CA ASP A 54 6.01 -19.33 16.33
C ASP A 54 4.55 -18.98 16.48
N TYR A 55 3.89 -18.90 15.34
CA TYR A 55 2.52 -18.42 15.31
C TYR A 55 1.51 -19.39 15.88
N ASP A 56 1.76 -20.68 15.83
CA ASP A 56 0.72 -21.57 16.32
C ASP A 56 0.59 -21.45 17.83
N GLU A 57 1.73 -21.32 18.48
CA GLU A 57 1.78 -21.16 19.91
C GLU A 57 1.26 -19.79 20.28
N ALA A 58 1.64 -18.77 19.50
CA ALA A 58 1.17 -17.45 19.82
C ALA A 58 -0.35 -17.41 19.81
N ILE A 59 -0.98 -18.11 18.86
CA ILE A 59 -2.43 -18.14 18.83
C ILE A 59 -3.02 -18.81 20.04
N GLU A 60 -2.52 -19.98 20.41
CA GLU A 60 -3.11 -20.64 21.56
C GLU A 60 -3.02 -19.81 22.83
N TYR A 61 -1.88 -19.19 23.05
CA TYR A 61 -1.69 -18.46 24.28
C TYR A 61 -2.44 -17.14 24.27
N TYR A 62 -2.57 -16.51 23.11
CA TYR A 62 -3.33 -15.29 23.07
C TYR A 62 -4.78 -15.61 23.38
N GLN A 63 -5.27 -16.74 22.88
CA GLN A 63 -6.65 -17.07 23.13
C GLN A 63 -6.89 -17.29 24.61
N LYS A 64 -5.95 -17.92 25.30
CA LYS A 64 -6.15 -18.14 26.73
C LYS A 64 -6.15 -16.82 27.47
N ALA A 65 -5.25 -15.91 27.10
CA ALA A 65 -5.18 -14.63 27.80
C ALA A 65 -6.50 -13.89 27.67
N LEU A 66 -7.09 -13.97 26.49
CA LEU A 66 -8.37 -13.35 26.20
C LEU A 66 -9.54 -13.99 26.90
N GLU A 67 -9.52 -15.29 27.12
CA GLU A 67 -10.62 -15.87 27.86
C GLU A 67 -10.60 -15.29 29.28
N LEU A 68 -9.40 -15.14 29.83
CA LEU A 68 -9.22 -14.56 31.15
C LEU A 68 -9.51 -13.05 31.14
N ASP A 69 -9.16 -12.37 30.05
CA ASP A 69 -9.42 -10.94 29.93
C ASP A 69 -9.86 -10.52 28.51
N PRO A 70 -11.16 -10.57 28.22
CA PRO A 70 -11.79 -10.27 26.94
C PRO A 70 -11.62 -8.82 26.49
N ASN A 71 -11.16 -7.93 27.36
CA ASN A 71 -11.03 -6.54 26.97
C ASN A 71 -9.63 -6.20 26.53
N ASN A 72 -8.78 -7.20 26.38
CA ASN A 72 -7.44 -6.90 25.97
C ASN A 72 -7.37 -6.69 24.46
N ALA A 73 -7.54 -5.43 24.05
CA ALA A 73 -7.60 -5.05 22.65
C ALA A 73 -6.34 -5.41 21.92
N GLU A 74 -5.21 -5.30 22.59
CA GLU A 74 -3.95 -5.60 21.96
C GLU A 74 -3.85 -7.07 21.66
N ALA A 75 -4.30 -7.91 22.58
CA ALA A 75 -4.29 -9.33 22.34
C ALA A 75 -5.23 -9.67 21.21
N TRP A 76 -6.37 -8.97 21.11
CA TRP A 76 -7.27 -9.29 20.01
C TRP A 76 -6.58 -8.97 18.69
N TYR A 77 -5.90 -7.83 18.66
CA TYR A 77 -5.17 -7.38 17.51
C TYR A 77 -4.09 -8.37 17.10
N ASN A 78 -3.26 -8.79 18.05
CA ASN A 78 -2.22 -9.74 17.73
C ASN A 78 -2.75 -11.11 17.41
N LEU A 79 -3.91 -11.47 17.96
CA LEU A 79 -4.47 -12.75 17.59
C LEU A 79 -4.82 -12.66 16.12
N GLY A 80 -5.42 -11.54 15.73
CA GLY A 80 -5.76 -11.34 14.34
C GLY A 80 -4.52 -11.35 13.47
N ASN A 81 -3.44 -10.75 13.96
CA ASN A 81 -2.22 -10.74 13.17
C ASN A 81 -1.65 -12.11 12.97
N ALA A 82 -1.68 -12.95 14.00
CA ALA A 82 -1.14 -14.28 13.80
C ALA A 82 -1.99 -15.06 12.79
N TYR A 83 -3.30 -14.89 12.85
CA TYR A 83 -4.12 -15.61 11.91
C TYR A 83 -3.86 -15.12 10.50
N TYR A 84 -3.69 -13.82 10.36
CA TYR A 84 -3.40 -13.16 9.10
C TYR A 84 -2.13 -13.73 8.51
N LYS A 85 -1.08 -13.83 9.33
CA LYS A 85 0.23 -14.31 8.87
C LYS A 85 0.14 -15.73 8.35
N GLN A 86 -0.76 -16.53 8.91
CA GLN A 86 -0.93 -17.90 8.48
C GLN A 86 -1.83 -18.03 7.25
N GLY A 87 -2.42 -16.93 6.81
CA GLY A 87 -3.33 -16.94 5.69
C GLY A 87 -4.80 -17.12 6.08
N ASP A 88 -5.09 -17.11 7.38
CA ASP A 88 -6.47 -17.28 7.74
C ASP A 88 -7.10 -15.93 7.82
N TYR A 89 -7.60 -15.49 6.68
CA TYR A 89 -8.09 -14.14 6.59
C TYR A 89 -9.45 -14.01 7.22
N ASP A 90 -10.22 -15.08 7.24
CA ASP A 90 -11.54 -14.94 7.81
C ASP A 90 -11.42 -14.67 9.30
N GLU A 91 -10.48 -15.36 9.94
CA GLU A 91 -10.28 -15.13 11.35
C GLU A 91 -9.62 -13.80 11.59
N ALA A 92 -8.67 -13.41 10.74
CA ALA A 92 -8.00 -12.14 10.96
C ALA A 92 -9.02 -11.01 10.96
N ILE A 93 -10.01 -11.09 10.09
CA ILE A 93 -11.04 -10.07 10.04
C ILE A 93 -11.83 -10.03 11.32
N GLU A 94 -12.24 -11.19 11.81
CA GLU A 94 -13.03 -11.24 13.02
C GLU A 94 -12.30 -10.63 14.21
N TYR A 95 -11.01 -10.89 14.31
CA TYR A 95 -10.32 -10.37 15.47
C TYR A 95 -9.92 -8.92 15.32
N TYR A 96 -9.66 -8.44 14.10
CA TYR A 96 -9.33 -7.04 13.97
C TYR A 96 -10.56 -6.25 14.33
N GLU A 97 -11.75 -6.75 13.95
CA GLU A 97 -12.95 -6.01 14.27
C GLU A 97 -13.13 -5.90 15.77
N LYS A 98 -12.85 -6.98 16.51
CA LYS A 98 -13.01 -6.87 17.95
C LYS A 98 -12.02 -5.90 18.55
N ALA A 99 -10.78 -5.90 18.05
CA ALA A 99 -9.81 -4.99 18.61
C ALA A 99 -10.25 -3.55 18.44
N LEU A 100 -10.86 -3.25 17.29
CA LEU A 100 -11.37 -1.92 16.97
C LEU A 100 -12.58 -1.54 17.78
N GLU A 101 -13.44 -2.50 18.10
CA GLU A 101 -14.58 -2.15 18.92
C GLU A 101 -14.08 -1.67 20.27
N LEU A 102 -13.05 -2.35 20.78
CA LEU A 102 -12.45 -1.97 22.05
C LEU A 102 -11.60 -0.72 21.93
N ASP A 103 -10.92 -0.56 20.78
CA ASP A 103 -10.10 0.61 20.56
C ASP A 103 -10.10 1.07 19.10
N PRO A 104 -11.00 1.98 18.73
CA PRO A 104 -11.20 2.53 17.41
C PRO A 104 -9.99 3.26 16.85
N GLU A 105 -9.01 3.59 17.71
CA GLU A 105 -7.83 4.33 17.30
C GLU A 105 -6.75 3.45 16.69
N ASN A 106 -7.00 2.15 16.64
CA ASN A 106 -5.98 1.28 16.14
C ASN A 106 -5.96 1.31 14.61
N LEU A 107 -5.12 2.21 14.08
CA LEU A 107 -5.03 2.41 12.65
C LEU A 107 -4.52 1.18 11.96
N GLU A 108 -3.62 0.47 12.61
CA GLU A 108 -3.06 -0.69 11.99
C GLU A 108 -4.12 -1.75 11.82
N ALA A 109 -5.00 -1.91 12.82
CA ALA A 109 -6.06 -2.89 12.68
C ALA A 109 -6.97 -2.51 11.54
N LEU A 110 -7.26 -1.22 11.35
CA LEU A 110 -8.13 -0.87 10.24
C LEU A 110 -7.51 -1.22 8.90
N GLN A 111 -6.22 -0.95 8.78
CA GLN A 111 -5.55 -1.22 7.53
C GLN A 111 -5.42 -2.72 7.28
N ASN A 112 -5.14 -3.47 8.33
CA ASN A 112 -4.97 -4.89 8.18
C ASN A 112 -6.31 -5.51 7.91
N LEU A 113 -7.36 -4.92 8.45
CA LEU A 113 -8.70 -5.41 8.25
C LEU A 113 -9.05 -5.30 6.80
N LEU A 114 -8.74 -4.15 6.20
CA LEU A 114 -9.06 -3.97 4.81
C LEU A 114 -8.25 -4.93 3.96
N ASN A 115 -6.99 -5.15 4.33
CA ASN A 115 -6.17 -6.04 3.54
C ASN A 115 -6.71 -7.47 3.64
N ALA A 116 -7.14 -7.87 4.83
CA ALA A 116 -7.68 -9.20 5.01
C ALA A 116 -8.92 -9.40 4.15
N MET A 117 -9.72 -8.34 4.02
CA MET A 117 -10.91 -8.37 3.18
C MET A 117 -10.57 -8.54 1.72
N ASP A 118 -9.40 -8.05 1.31
CA ASP A 118 -8.94 -8.17 -0.07
C ASP A 118 -8.50 -9.59 -0.35
N LYS A 119 -7.86 -10.19 0.63
CA LYS A 119 -7.36 -11.54 0.45
C LYS A 119 -8.50 -12.54 0.62
N GLN A 120 -9.51 -12.17 1.40
CA GLN A 120 -10.65 -13.02 1.63
C GLN A 120 -11.37 -13.32 0.34
N GLY A 121 -11.68 -14.58 0.12
CA GLY A 121 -12.39 -14.97 -1.09
C GLY A 121 -11.85 -14.23 -2.31
N ILE B 2 -0.85 -9.78 -38.72
CA ILE B 2 -0.66 -8.38 -38.35
C ILE B 2 -0.40 -8.17 -36.88
N GLU B 3 -1.19 -8.78 -36.02
CA GLU B 3 -1.01 -8.55 -34.60
C GLU B 3 0.40 -8.94 -34.17
N GLU B 4 0.95 -9.95 -34.81
CA GLU B 4 2.27 -10.41 -34.49
C GLU B 4 3.30 -9.34 -34.76
N VAL B 5 3.09 -8.58 -35.83
CA VAL B 5 4.01 -7.57 -36.26
C VAL B 5 3.91 -6.39 -35.34
N VAL B 6 2.69 -6.00 -35.04
CA VAL B 6 2.54 -4.85 -34.20
C VAL B 6 3.10 -5.17 -32.82
N ALA B 7 2.78 -6.34 -32.30
CA ALA B 7 3.28 -6.74 -31.01
C ALA B 7 4.78 -6.81 -30.97
N GLU B 8 5.39 -7.27 -32.06
CA GLU B 8 6.83 -7.36 -32.09
C GLU B 8 7.44 -5.98 -32.05
N MET B 9 6.84 -5.04 -32.78
CA MET B 9 7.40 -3.71 -32.79
C MET B 9 7.35 -3.13 -31.39
N ILE B 10 6.27 -3.42 -30.66
CA ILE B 10 6.15 -2.94 -29.30
C ILE B 10 7.21 -3.55 -28.42
N ASP B 11 7.43 -4.85 -28.52
CA ASP B 11 8.42 -5.49 -27.68
C ASP B 11 9.81 -4.91 -27.97
N ILE B 12 10.09 -4.62 -29.22
CA ILE B 12 11.39 -4.08 -29.58
C ILE B 12 11.61 -2.72 -28.95
N LEU B 13 10.61 -1.86 -29.06
CA LEU B 13 10.75 -0.54 -28.49
C LEU B 13 10.89 -0.63 -27.00
N ALA B 14 10.15 -1.54 -26.38
CA ALA B 14 10.24 -1.67 -24.96
C ALA B 14 11.62 -2.13 -24.52
N GLU B 15 12.24 -3.05 -25.25
CA GLU B 15 13.55 -3.52 -24.82
C GLU B 15 14.60 -2.46 -24.98
N SER B 16 14.50 -1.69 -26.05
CA SER B 16 15.46 -0.63 -26.29
C SER B 16 15.34 0.40 -25.21
N SER B 17 14.11 0.75 -24.87
CA SER B 17 13.88 1.78 -23.90
C SER B 17 14.39 1.35 -22.52
N LYS B 18 14.15 0.10 -22.15
CA LYS B 18 14.61 -0.36 -20.85
C LYS B 18 16.11 -0.35 -20.75
N LYS B 19 16.79 -0.78 -21.81
CA LYS B 19 18.23 -0.77 -21.77
C LYS B 19 18.78 0.63 -21.62
N SER B 20 18.21 1.57 -22.36
CA SER B 20 18.69 2.93 -22.30
C SER B 20 18.50 3.51 -20.92
N ILE B 21 17.40 3.20 -20.25
CA ILE B 21 17.22 3.73 -18.91
C ILE B 21 18.27 3.19 -17.99
N GLU B 22 18.52 1.89 -18.06
CA GLU B 22 19.55 1.32 -17.21
C GLU B 22 20.88 1.96 -17.45
N GLU B 23 21.23 2.19 -18.71
CA GLU B 23 22.51 2.78 -19.03
C GLU B 23 22.60 4.20 -18.53
N LEU B 24 21.52 4.98 -18.66
CA LEU B 24 21.58 6.34 -18.18
C LEU B 24 21.80 6.36 -16.70
N ALA B 25 21.12 5.46 -15.99
CA ALA B 25 21.30 5.45 -14.57
C ALA B 25 22.73 5.07 -14.23
N ARG B 26 23.31 4.07 -14.92
CA ARG B 26 24.68 3.68 -14.60
C ARG B 26 25.67 4.78 -14.87
N ALA B 27 25.46 5.47 -15.98
CA ALA B 27 26.37 6.51 -16.38
C ALA B 27 26.44 7.60 -15.35
N ALA B 28 25.28 7.93 -14.75
CA ALA B 28 25.23 8.95 -13.72
C ALA B 28 25.54 8.40 -12.32
N ASP B 29 25.22 7.14 -12.05
CA ASP B 29 25.43 6.54 -10.74
C ASP B 29 26.90 6.49 -10.39
N ASN B 30 27.74 6.36 -11.39
CA ASN B 30 29.16 6.30 -11.16
C ASN B 30 29.85 7.67 -11.17
N LYS B 31 29.08 8.75 -11.21
CA LYS B 31 29.64 10.09 -11.22
C LYS B 31 29.51 10.79 -9.88
N THR B 32 30.34 11.82 -9.71
CA THR B 32 30.34 12.65 -8.53
C THR B 32 29.81 14.04 -8.84
N THR B 33 29.27 14.20 -10.03
CA THR B 33 28.74 15.47 -10.49
C THR B 33 27.21 15.47 -10.45
N GLU B 34 26.65 16.40 -9.70
CA GLU B 34 25.21 16.48 -9.55
C GLU B 34 24.52 16.72 -10.87
N LYS B 35 25.14 17.50 -11.72
CA LYS B 35 24.55 17.78 -13.00
C LYS B 35 24.39 16.52 -13.84
N ALA B 36 25.32 15.56 -13.73
CA ALA B 36 25.22 14.35 -14.52
C ALA B 36 23.99 13.59 -14.10
N VAL B 37 23.72 13.67 -12.80
CA VAL B 37 22.57 13.01 -12.26
C VAL B 37 21.32 13.72 -12.70
N ALA B 38 21.32 15.06 -12.65
CA ALA B 38 20.12 15.76 -13.08
C ALA B 38 19.75 15.42 -14.48
N GLU B 39 20.76 15.30 -15.35
CA GLU B 39 20.45 14.98 -16.71
C GLU B 39 19.89 13.59 -16.79
N ALA B 40 20.47 12.63 -16.07
CA ALA B 40 19.93 11.28 -16.13
C ALA B 40 18.50 11.26 -15.58
N ILE B 41 18.19 12.05 -14.57
CA ILE B 41 16.83 12.01 -14.06
C ILE B 41 15.86 12.46 -15.13
N GLU B 42 16.20 13.56 -15.79
CA GLU B 42 15.33 14.09 -16.82
C GLU B 42 15.29 13.22 -18.06
N GLU B 43 16.42 12.63 -18.44
CA GLU B 43 16.48 11.80 -19.63
C GLU B 43 15.73 10.51 -19.42
N ILE B 44 15.78 9.94 -18.22
CA ILE B 44 15.04 8.72 -18.01
C ILE B 44 13.57 9.02 -18.11
N ALA B 45 13.13 10.09 -17.45
CA ALA B 45 11.72 10.40 -17.54
C ALA B 45 11.31 10.76 -18.95
N ARG B 46 12.15 11.51 -19.68
CA ARG B 46 11.82 11.94 -21.02
C ARG B 46 11.70 10.76 -21.94
N LEU B 47 12.64 9.83 -21.82
CA LEU B 47 12.64 8.67 -22.65
C LEU B 47 11.50 7.77 -22.36
N ALA B 48 11.24 7.49 -21.10
CA ALA B 48 10.17 6.59 -20.79
C ALA B 48 8.86 7.18 -21.27
N THR B 49 8.69 8.49 -21.14
CA THR B 49 7.45 9.08 -21.56
C THR B 49 7.27 8.91 -23.05
N ALA B 50 8.32 9.21 -23.81
CA ALA B 50 8.20 9.09 -25.24
C ALA B 50 7.94 7.67 -25.67
N ALA B 51 8.61 6.71 -25.04
CA ALA B 51 8.45 5.34 -25.41
C ALA B 51 7.04 4.87 -25.16
N ILE B 52 6.44 5.34 -24.07
CA ILE B 52 5.09 4.94 -23.75
C ILE B 52 4.15 5.44 -24.81
N GLN B 53 4.34 6.67 -25.22
CA GLN B 53 3.47 7.22 -26.24
C GLN B 53 3.59 6.44 -27.56
N LEU B 54 4.80 6.03 -27.94
CA LEU B 54 4.93 5.26 -29.18
C LEU B 54 4.23 3.93 -29.05
N ILE B 55 4.34 3.31 -27.87
CA ILE B 55 3.70 2.03 -27.67
C ILE B 55 2.21 2.19 -27.74
N GLU B 56 1.66 3.22 -27.11
CA GLU B 56 0.22 3.40 -27.19
C GLU B 56 -0.21 3.52 -28.63
N ALA B 57 0.51 4.31 -29.43
CA ALA B 57 0.10 4.50 -30.79
C ALA B 57 0.03 3.21 -31.56
N LEU B 58 1.00 2.33 -31.34
CA LEU B 58 0.98 1.03 -32.01
C LEU B 58 -0.06 0.10 -31.44
N ALA B 59 -0.22 0.15 -30.13
CA ALA B 59 -1.12 -0.73 -29.42
C ALA B 59 -2.54 -0.54 -29.87
N LYS B 60 -2.88 0.66 -30.30
CA LYS B 60 -4.23 0.91 -30.79
C LYS B 60 -4.60 0.07 -32.01
N ASN B 61 -3.63 -0.53 -32.68
CA ASN B 61 -3.91 -1.36 -33.84
C ASN B 61 -4.10 -2.84 -33.47
N LEU B 62 -4.07 -3.15 -32.17
CA LEU B 62 -4.25 -4.50 -31.71
C LEU B 62 -5.67 -4.73 -31.23
N ALA B 63 -6.46 -5.44 -32.00
CA ALA B 63 -7.85 -5.69 -31.62
C ALA B 63 -7.97 -6.83 -30.62
N SER B 64 -7.03 -7.77 -30.67
CA SER B 64 -7.05 -8.94 -29.82
C SER B 64 -6.63 -8.64 -28.38
N GLU B 65 -7.33 -9.23 -27.43
CA GLU B 65 -7.08 -9.03 -26.02
C GLU B 65 -5.74 -9.54 -25.53
N GLU B 66 -5.28 -10.65 -26.06
CA GLU B 66 -4.00 -11.19 -25.61
C GLU B 66 -2.88 -10.24 -25.93
N PHE B 67 -3.02 -9.61 -27.08
CA PHE B 67 -2.02 -8.70 -27.55
C PHE B 67 -2.12 -7.38 -26.83
N MET B 68 -3.34 -6.91 -26.55
CA MET B 68 -3.45 -5.67 -25.82
C MET B 68 -2.86 -5.85 -24.45
N ALA B 69 -3.05 -7.03 -23.86
CA ALA B 69 -2.51 -7.29 -22.54
C ALA B 69 -0.99 -7.20 -22.57
N ARG B 70 -0.37 -7.68 -23.65
CA ARG B 70 1.06 -7.56 -23.76
C ARG B 70 1.47 -6.11 -23.86
N ALA B 71 0.71 -5.30 -24.60
CA ALA B 71 1.05 -3.88 -24.70
C ALA B 71 0.95 -3.20 -23.34
N ILE B 72 -0.07 -3.57 -22.55
CA ILE B 72 -0.24 -2.99 -21.24
C ILE B 72 0.91 -3.34 -20.36
N SER B 73 1.30 -4.60 -20.40
CA SER B 73 2.42 -4.99 -19.59
C SER B 73 3.64 -4.22 -20.01
N ALA B 74 3.89 -4.07 -21.31
CA ALA B 74 5.08 -3.35 -21.73
C ALA B 74 5.10 -1.94 -21.18
N ILE B 75 3.95 -1.27 -21.16
CA ILE B 75 3.91 0.08 -20.62
C ILE B 75 4.17 0.05 -19.14
N ALA B 76 3.50 -0.84 -18.43
CA ALA B 76 3.67 -0.88 -17.01
C ALA B 76 5.09 -1.22 -16.60
N GLU B 77 5.73 -2.12 -17.34
CA GLU B 77 7.08 -2.52 -16.97
C GLU B 77 8.05 -1.42 -17.21
N LEU B 78 7.88 -0.70 -18.30
CA LEU B 78 8.79 0.37 -18.57
C LEU B 78 8.61 1.47 -17.55
N ALA B 79 7.36 1.78 -17.23
CA ALA B 79 7.13 2.84 -16.29
C ALA B 79 7.68 2.52 -14.91
N LYS B 80 7.53 1.28 -14.44
CA LYS B 80 8.06 1.01 -13.11
C LYS B 80 9.57 1.00 -13.13
N LYS B 81 10.20 0.60 -14.24
CA LYS B 81 11.65 0.61 -14.27
C LYS B 81 12.15 2.02 -14.23
N ALA B 82 11.47 2.92 -14.93
CA ALA B 82 11.88 4.31 -14.92
C ALA B 82 11.77 4.88 -13.52
N ILE B 83 10.72 4.51 -12.79
CA ILE B 83 10.55 5.01 -11.45
C ILE B 83 11.64 4.48 -10.54
N GLU B 84 11.95 3.19 -10.61
CA GLU B 84 13.00 2.69 -9.75
C GLU B 84 14.33 3.33 -10.06
N ALA B 85 14.61 3.53 -11.35
CA ALA B 85 15.88 4.09 -11.72
C ALA B 85 16.02 5.48 -11.15
N ILE B 86 14.93 6.24 -11.19
CA ILE B 86 14.96 7.58 -10.67
C ILE B 86 15.06 7.56 -9.18
N TYR B 87 14.30 6.71 -8.50
CA TYR B 87 14.40 6.71 -7.07
C TYR B 87 15.84 6.51 -6.62
N ARG B 88 16.51 5.49 -7.16
CA ARG B 88 17.88 5.25 -6.70
C ARG B 88 18.82 6.35 -7.10
N LEU B 89 18.72 6.78 -8.35
CA LEU B 89 19.58 7.78 -8.95
C LEU B 89 19.50 9.09 -8.22
N ALA B 90 18.29 9.46 -7.85
CA ALA B 90 18.00 10.69 -7.19
C ALA B 90 18.06 10.61 -5.68
N ASP B 91 18.45 9.50 -5.08
CA ASP B 91 18.39 9.50 -3.65
C ASP B 91 19.60 10.21 -3.09
N ASN B 92 19.64 10.31 -1.77
CA ASN B 92 20.71 10.98 -1.06
C ASN B 92 20.83 12.44 -1.49
N HIS B 93 21.99 12.86 -2.02
CA HIS B 93 22.22 14.27 -2.41
C HIS B 93 21.99 15.19 -1.22
N THR B 94 22.29 14.66 -0.03
CA THR B 94 22.10 15.34 1.24
C THR B 94 20.62 15.70 1.46
N THR B 95 19.75 15.31 0.51
CA THR B 95 18.32 15.56 0.40
C THR B 95 17.98 17.00 0.04
N ASP B 96 19.02 17.79 -0.24
CA ASP B 96 18.88 19.18 -0.65
C ASP B 96 18.83 19.35 -2.15
N THR B 97 19.49 18.47 -2.88
CA THR B 97 19.58 18.61 -4.33
C THR B 97 18.76 17.56 -5.09
N PHE B 98 17.98 18.07 -6.05
CA PHE B 98 17.10 17.33 -7.00
C PHE B 98 15.93 16.56 -6.45
N MET B 99 15.56 16.77 -5.21
CA MET B 99 14.41 16.03 -4.73
C MET B 99 13.15 16.50 -5.45
N ALA B 100 13.10 17.77 -5.81
CA ALA B 100 11.93 18.27 -6.50
C ALA B 100 11.79 17.62 -7.87
N ARG B 101 12.92 17.38 -8.54
CA ARG B 101 12.90 16.81 -9.87
C ARG B 101 12.43 15.39 -9.78
N ALA B 102 12.93 14.68 -8.78
CA ALA B 102 12.58 13.29 -8.64
C ALA B 102 11.12 13.12 -8.35
N ILE B 103 10.54 13.99 -7.52
CA ILE B 103 9.14 13.84 -7.21
C ILE B 103 8.31 14.13 -8.42
N ALA B 104 8.62 15.21 -9.11
CA ALA B 104 7.83 15.54 -10.27
C ALA B 104 7.97 14.48 -11.33
N ALA B 105 9.18 13.95 -11.53
CA ALA B 105 9.38 12.97 -12.57
C ALA B 105 8.61 11.71 -12.28
N ILE B 106 8.61 11.29 -11.03
CA ILE B 106 7.92 10.06 -10.71
C ILE B 106 6.44 10.24 -10.87
N ALA B 107 5.91 11.33 -10.36
CA ALA B 107 4.50 11.52 -10.50
C ALA B 107 4.10 11.67 -11.95
N ASN B 108 4.91 12.35 -12.76
CA ASN B 108 4.51 12.56 -14.14
C ASN B 108 4.54 11.28 -14.94
N LEU B 109 5.50 10.41 -14.65
CA LEU B 109 5.55 9.14 -15.35
C LEU B 109 4.40 8.30 -14.97
N ALA B 110 4.04 8.31 -13.69
CA ALA B 110 2.92 7.54 -13.26
C ALA B 110 1.65 8.01 -13.92
N VAL B 111 1.48 9.32 -14.08
CA VAL B 111 0.28 9.82 -14.73
C VAL B 111 0.22 9.41 -16.17
N THR B 112 1.33 9.54 -16.89
CA THR B 112 1.31 9.17 -18.29
C THR B 112 1.03 7.70 -18.44
N ALA B 113 1.70 6.87 -17.65
CA ALA B 113 1.51 5.44 -17.78
C ALA B 113 0.11 5.03 -17.42
N ILE B 114 -0.48 5.63 -16.40
CA ILE B 114 -1.81 5.25 -16.01
C ILE B 114 -2.83 5.63 -17.02
N LEU B 115 -2.74 6.85 -17.51
CA LEU B 115 -3.73 7.24 -18.46
C LEU B 115 -3.58 6.40 -19.72
N ALA B 116 -2.33 6.10 -20.13
CA ALA B 116 -2.12 5.30 -21.32
C ALA B 116 -2.69 3.91 -21.15
N ILE B 117 -2.55 3.33 -19.97
CA ILE B 117 -3.11 2.03 -19.78
C ILE B 117 -4.60 2.09 -19.86
N ALA B 118 -5.21 3.06 -19.21
CA ALA B 118 -6.65 3.13 -19.25
C ALA B 118 -7.13 3.31 -20.70
N ALA B 119 -6.38 4.08 -21.46
CA ALA B 119 -6.73 4.33 -22.85
C ALA B 119 -6.79 3.06 -23.66
N LEU B 120 -5.91 2.12 -23.39
CA LEU B 120 -5.94 0.89 -24.15
C LEU B 120 -6.89 -0.11 -23.53
N ALA B 121 -6.94 -0.11 -22.22
CA ALA B 121 -7.69 -1.04 -21.42
C ALA B 121 -9.18 -0.94 -21.66
N SER B 122 -9.64 0.25 -22.02
CA SER B 122 -11.04 0.47 -22.27
C SER B 122 -11.54 -0.34 -23.46
N ASN B 123 -10.64 -0.88 -24.28
CA ASN B 123 -11.06 -1.66 -25.43
C ASN B 123 -11.14 -3.16 -25.17
N HIS B 124 -10.90 -3.61 -23.94
CA HIS B 124 -11.05 -5.02 -23.64
C HIS B 124 -12.53 -5.27 -23.51
N THR B 125 -13.03 -6.47 -23.84
CA THR B 125 -14.46 -6.72 -23.65
C THR B 125 -14.69 -7.83 -22.63
N THR B 126 -13.59 -8.32 -22.07
CA THR B 126 -13.62 -9.42 -21.14
C THR B 126 -13.27 -8.93 -19.76
N GLU B 127 -14.08 -9.31 -18.79
CA GLU B 127 -13.90 -8.84 -17.42
C GLU B 127 -12.55 -9.25 -16.86
N GLU B 128 -12.05 -10.40 -17.27
CA GLU B 128 -10.76 -10.86 -16.80
C GLU B 128 -9.66 -9.90 -17.25
N PHE B 129 -9.78 -9.38 -18.45
CA PHE B 129 -8.75 -8.52 -18.97
C PHE B 129 -8.86 -7.14 -18.38
N MET B 130 -10.09 -6.71 -18.14
CA MET B 130 -10.25 -5.40 -17.55
C MET B 130 -9.66 -5.44 -16.16
N ALA B 131 -9.83 -6.58 -15.47
CA ALA B 131 -9.29 -6.73 -14.14
C ALA B 131 -7.78 -6.65 -14.16
N ARG B 132 -7.14 -7.19 -15.19
CA ARG B 132 -5.71 -7.11 -15.27
C ARG B 132 -5.27 -5.68 -15.41
N ALA B 133 -5.99 -4.90 -16.22
CA ALA B 133 -5.64 -3.51 -16.39
C ALA B 133 -5.79 -2.74 -15.09
N ILE B 134 -6.82 -3.08 -14.31
CA ILE B 134 -7.02 -2.42 -13.04
C ILE B 134 -5.86 -2.68 -12.13
N SER B 135 -5.43 -3.93 -12.09
CA SER B 135 -4.29 -4.24 -11.27
C SER B 135 -3.09 -3.46 -11.74
N ALA B 136 -2.84 -3.41 -13.06
CA ALA B 136 -1.65 -2.70 -13.52
C ALA B 136 -1.68 -1.25 -13.07
N ILE B 137 -2.85 -0.62 -13.12
CA ILE B 137 -2.92 0.77 -12.69
C ILE B 137 -2.66 0.89 -11.24
N ALA B 138 -3.28 0.03 -10.45
CA ALA B 138 -3.08 0.10 -9.03
C ALA B 138 -1.63 -0.13 -8.65
N GLU B 139 -0.95 -1.03 -9.34
CA GLU B 139 0.43 -1.29 -8.98
C GLU B 139 1.31 -0.12 -9.30
N LEU B 140 1.06 0.55 -10.43
CA LEU B 140 1.88 1.71 -10.75
C LEU B 140 1.60 2.81 -9.76
N ALA B 141 0.34 2.99 -9.38
CA ALA B 141 0.05 4.04 -8.46
C ALA B 141 0.74 3.81 -7.14
N LYS B 142 0.74 2.56 -6.67
CA LYS B 142 1.37 2.27 -5.40
C LYS B 142 2.87 2.46 -5.45
N LYS B 143 3.49 2.07 -6.56
CA LYS B 143 4.93 2.22 -6.64
C LYS B 143 5.34 3.67 -6.67
N ALA B 144 4.57 4.48 -7.39
CA ALA B 144 4.91 5.88 -7.44
C ALA B 144 4.74 6.53 -6.08
N ILE B 145 3.70 6.15 -5.35
CA ILE B 145 3.46 6.72 -4.03
C ILE B 145 4.56 6.34 -3.08
N GLU B 146 4.95 5.07 -3.10
CA GLU B 146 5.98 4.65 -2.20
C GLU B 146 7.31 5.29 -2.56
N ALA B 147 7.65 5.44 -3.84
CA ALA B 147 8.93 6.04 -4.13
C ALA B 147 8.96 7.48 -3.63
N ILE B 148 7.85 8.20 -3.78
CA ILE B 148 7.80 9.58 -3.34
C ILE B 148 7.87 9.64 -1.84
N TYR B 149 7.11 8.78 -1.19
CA TYR B 149 7.11 8.71 0.25
C TYR B 149 8.50 8.46 0.78
N ARG B 150 9.19 7.47 0.24
CA ARG B 150 10.50 7.16 0.74
C ARG B 150 11.47 8.29 0.51
N LEU B 151 11.39 8.98 -0.64
CA LEU B 151 12.35 10.06 -0.79
C LEU B 151 12.04 11.12 0.25
N ALA B 152 10.77 11.42 0.47
CA ALA B 152 10.40 12.45 1.42
C ALA B 152 10.89 12.13 2.84
N ASP B 153 10.85 10.88 3.23
CA ASP B 153 11.34 10.54 4.57
C ASP B 153 12.82 10.30 4.67
N ASN B 154 13.54 10.50 3.60
CA ASN B 154 14.96 10.36 3.74
C ASN B 154 15.48 11.75 4.05
N HIS B 155 14.58 12.74 4.00
CA HIS B 155 15.00 14.12 4.15
C HIS B 155 15.53 14.43 5.51
N THR B 156 16.55 15.27 5.52
CA THR B 156 17.24 15.72 6.72
C THR B 156 16.58 16.94 7.33
N THR B 157 15.72 17.56 6.55
CA THR B 157 15.03 18.77 6.92
C THR B 157 13.73 18.85 6.16
N ASP B 158 12.77 19.59 6.66
CA ASP B 158 11.54 19.63 5.90
C ASP B 158 11.58 20.63 4.78
N LYS B 159 12.15 20.16 3.69
CA LYS B 159 12.28 20.88 2.48
C LYS B 159 11.55 20.03 1.47
N PHE B 160 10.58 20.62 0.80
CA PHE B 160 9.73 19.96 -0.17
C PHE B 160 8.73 18.92 0.37
N MET B 161 8.46 18.78 1.69
CA MET B 161 7.50 17.72 2.02
C MET B 161 6.14 18.00 1.40
N ALA B 162 5.79 19.27 1.24
CA ALA B 162 4.51 19.60 0.66
C ALA B 162 4.38 19.03 -0.75
N ALA B 163 5.48 18.99 -1.50
CA ALA B 163 5.41 18.48 -2.86
C ALA B 163 5.06 17.02 -2.81
N ALA B 164 5.63 16.33 -1.84
CA ALA B 164 5.35 14.92 -1.72
C ALA B 164 3.89 14.70 -1.37
N ILE B 165 3.34 15.56 -0.51
CA ILE B 165 1.96 15.41 -0.11
C ILE B 165 1.03 15.62 -1.27
N GLU B 166 1.27 16.66 -2.04
CA GLU B 166 0.40 16.93 -3.16
C GLU B 166 0.56 15.90 -4.26
N ALA B 167 1.78 15.43 -4.52
CA ALA B 167 1.96 14.45 -5.56
C ALA B 167 1.23 13.16 -5.23
N ILE B 168 1.24 12.76 -3.97
CA ILE B 168 0.56 11.55 -3.60
C ILE B 168 -0.93 11.71 -3.79
N ALA B 169 -1.48 12.83 -3.34
CA ALA B 169 -2.90 13.05 -3.49
C ALA B 169 -3.30 13.05 -4.97
N LEU B 170 -2.45 13.61 -5.84
CA LEU B 170 -2.73 13.65 -7.26
C LEU B 170 -2.77 12.28 -7.87
N LEU B 171 -1.77 11.49 -7.57
CA LEU B 171 -1.71 10.19 -8.16
C LEU B 171 -2.81 9.33 -7.69
N ALA B 172 -3.13 9.42 -6.41
CA ALA B 172 -4.20 8.60 -5.92
C ALA B 172 -5.51 9.01 -6.53
N THR B 173 -5.73 10.30 -6.70
CA THR B 173 -7.01 10.71 -7.23
C THR B 173 -7.17 10.26 -8.67
N LEU B 174 -6.14 10.45 -9.49
CA LEU B 174 -6.29 10.07 -10.88
C LEU B 174 -6.36 8.59 -11.03
N ALA B 175 -5.58 7.84 -10.26
CA ALA B 175 -5.63 6.41 -10.38
C ALA B 175 -6.99 5.89 -9.98
N ILE B 176 -7.60 6.48 -8.95
CA ILE B 176 -8.92 6.04 -8.53
C ILE B 176 -9.92 6.28 -9.59
N LEU B 177 -9.88 7.44 -10.19
CA LEU B 177 -10.83 7.72 -11.21
C LEU B 177 -10.61 6.80 -12.39
N ALA B 178 -9.35 6.54 -12.76
CA ALA B 178 -9.09 5.65 -13.88
C ALA B 178 -9.63 4.27 -13.60
N ILE B 179 -9.51 3.81 -12.37
CA ILE B 179 -10.03 2.50 -12.04
C ILE B 179 -11.51 2.52 -12.15
N ALA B 180 -12.16 3.55 -11.60
CA ALA B 180 -13.60 3.64 -11.68
C ALA B 180 -14.07 3.68 -13.13
N LEU B 181 -13.29 4.33 -13.97
CA LEU B 181 -13.64 4.48 -15.36
C LEU B 181 -13.63 3.14 -16.06
N LEU B 182 -12.60 2.35 -15.83
CA LEU B 182 -12.55 1.06 -16.48
C LEU B 182 -13.57 0.13 -15.85
N ALA B 183 -13.70 0.24 -14.55
CA ALA B 183 -14.57 -0.59 -13.74
C ALA B 183 -16.02 -0.37 -14.07
N SER B 184 -16.37 0.79 -14.60
CA SER B 184 -17.72 1.09 -14.96
C SER B 184 -18.21 0.17 -16.05
N ASN B 185 -17.30 -0.51 -16.75
CA ASN B 185 -17.70 -1.42 -17.79
C ASN B 185 -17.82 -2.87 -17.35
N HIS B 186 -17.65 -3.14 -16.05
CA HIS B 186 -17.84 -4.50 -15.56
C HIS B 186 -19.32 -4.73 -15.40
N THR B 187 -19.77 -5.97 -15.55
CA THR B 187 -21.17 -6.28 -15.32
C THR B 187 -21.42 -7.30 -14.20
N THR B 188 -20.39 -8.06 -13.82
CA THR B 188 -20.53 -9.10 -12.82
C THR B 188 -20.06 -8.57 -11.46
N GLU B 189 -20.83 -8.86 -10.39
CA GLU B 189 -20.50 -8.42 -9.04
C GLU B 189 -19.14 -8.85 -8.55
N LYS B 190 -18.67 -9.99 -9.00
CA LYS B 190 -17.37 -10.46 -8.60
C LYS B 190 -16.31 -9.44 -8.98
N PHE B 191 -16.46 -8.86 -10.16
CA PHE B 191 -15.48 -7.94 -10.67
C PHE B 191 -15.69 -6.56 -10.14
N MET B 192 -16.95 -6.21 -9.91
CA MET B 192 -17.22 -4.90 -9.37
C MET B 192 -16.62 -4.85 -7.98
N ALA B 193 -16.71 -5.96 -7.25
CA ALA B 193 -16.16 -6.04 -5.93
C ALA B 193 -14.66 -5.88 -5.94
N ARG B 194 -14.00 -6.45 -6.95
CA ARG B 194 -12.56 -6.32 -7.04
C ARG B 194 -12.18 -4.88 -7.28
N ALA B 195 -12.94 -4.20 -8.15
CA ALA B 195 -12.64 -2.81 -8.41
C ALA B 195 -12.78 -1.99 -7.16
N ILE B 196 -13.80 -2.30 -6.36
CA ILE B 196 -14.01 -1.57 -5.12
C ILE B 196 -12.86 -1.75 -4.18
N MET B 197 -12.37 -2.98 -4.03
CA MET B 197 -11.24 -3.15 -3.14
C MET B 197 -10.03 -2.43 -3.69
N ALA B 198 -9.82 -2.45 -5.01
CA ALA B 198 -8.64 -1.79 -5.54
C ALA B 198 -8.64 -0.32 -5.20
N ILE B 199 -9.81 0.29 -5.27
CA ILE B 199 -9.93 1.69 -4.94
C ILE B 199 -9.70 1.91 -3.49
N ALA B 200 -10.34 1.11 -2.65
CA ALA B 200 -10.22 1.29 -1.24
C ALA B 200 -8.83 1.14 -0.72
N ILE B 201 -8.10 0.21 -1.28
CA ILE B 201 -6.76 -0.05 -0.84
C ILE B 201 -5.86 1.05 -1.27
N LEU B 202 -5.97 1.48 -2.52
CA LEU B 202 -5.13 2.55 -2.97
C LEU B 202 -5.43 3.79 -2.17
N ALA B 203 -6.71 4.06 -1.90
CA ALA B 203 -7.02 5.22 -1.13
C ALA B 203 -6.41 5.11 0.25
N ALA B 204 -6.45 3.92 0.86
CA ALA B 204 -5.89 3.74 2.17
C ALA B 204 -4.39 3.95 2.17
N LYS B 205 -3.72 3.50 1.12
CA LYS B 205 -2.28 3.66 1.06
C LYS B 205 -1.91 5.11 0.89
N ALA B 206 -2.67 5.82 0.08
CA ALA B 206 -2.39 7.22 -0.12
C ALA B 206 -2.58 7.99 1.17
N ILE B 207 -3.62 7.64 1.92
CA ILE B 207 -3.89 8.31 3.17
C ILE B 207 -2.80 8.02 4.16
N GLU B 208 -2.37 6.77 4.26
CA GLU B 208 -1.32 6.44 5.19
C GLU B 208 -0.01 7.10 4.83
N ALA B 209 0.34 7.15 3.54
CA ALA B 209 1.60 7.79 3.21
C ALA B 209 1.58 9.24 3.60
N ILE B 210 0.45 9.91 3.35
CA ILE B 210 0.35 11.31 3.69
C ILE B 210 0.36 11.49 5.18
N TYR B 211 -0.40 10.68 5.88
CA TYR B 211 -0.43 10.76 7.30
C TYR B 211 0.95 10.63 7.89
N ARG B 212 1.69 9.61 7.47
CA ARG B 212 2.98 9.42 8.05
C ARG B 212 3.90 10.57 7.76
N LEU B 213 3.85 11.14 6.55
CA LEU B 213 4.77 12.23 6.32
C LEU B 213 4.41 13.41 7.18
N ALA B 214 3.13 13.71 7.27
CA ALA B 214 2.65 14.83 8.03
C ALA B 214 2.89 14.67 9.53
N ASP B 215 2.85 13.43 9.99
CA ASP B 215 3.01 13.10 11.40
C ASP B 215 4.47 12.89 11.81
N ASN B 216 5.43 13.07 10.89
CA ASN B 216 6.81 12.84 11.28
C ASN B 216 7.42 13.94 12.14
N HIS B 217 6.95 15.16 12.00
CA HIS B 217 7.48 16.28 12.76
C HIS B 217 6.47 17.39 12.91
N THR B 218 6.68 18.25 13.91
CA THR B 218 5.78 19.38 14.10
C THR B 218 5.85 20.20 12.84
N SER B 219 4.70 20.44 12.23
CA SER B 219 4.66 21.12 10.97
C SER B 219 3.29 21.69 10.59
N PRO B 220 2.77 22.71 11.28
CA PRO B 220 1.41 23.20 11.18
C PRO B 220 0.87 23.45 9.76
N THR B 221 1.72 23.91 8.85
CA THR B 221 1.22 24.20 7.51
C THR B 221 1.20 22.97 6.63
N TYR B 222 1.89 21.94 7.06
CA TYR B 222 1.96 20.71 6.31
C TYR B 222 0.79 19.89 6.83
N ILE B 223 0.44 20.13 8.09
CA ILE B 223 -0.72 19.51 8.70
C ILE B 223 -1.95 20.01 7.97
N GLU B 224 -2.03 21.31 7.69
CA GLU B 224 -3.18 21.81 6.98
C GLU B 224 -3.34 21.15 5.61
N LYS B 225 -2.22 20.98 4.90
CA LYS B 225 -2.26 20.36 3.59
C LYS B 225 -2.60 18.89 3.67
N ALA B 226 -2.00 18.21 4.64
CA ALA B 226 -2.21 16.80 4.81
C ALA B 226 -3.64 16.49 5.14
N ILE B 227 -4.25 17.31 5.98
CA ILE B 227 -5.61 17.05 6.33
C ILE B 227 -6.52 17.21 5.15
N GLU B 228 -6.34 18.28 4.38
CA GLU B 228 -7.24 18.40 3.25
C GLU B 228 -6.99 17.27 2.28
N ALA B 229 -5.74 16.88 2.06
CA ALA B 229 -5.48 15.82 1.13
C ALA B 229 -6.14 14.53 1.57
N ILE B 230 -6.11 14.24 2.86
CA ILE B 230 -6.72 13.02 3.35
C ILE B 230 -8.21 13.03 3.17
N GLU B 231 -8.84 14.14 3.49
CA GLU B 231 -10.27 14.19 3.33
C GLU B 231 -10.64 14.11 1.86
N LYS B 232 -9.85 14.78 1.01
CA LYS B 232 -10.08 14.78 -0.42
C LYS B 232 -10.03 13.39 -0.99
N ILE B 233 -9.04 12.62 -0.59
CA ILE B 233 -8.89 11.28 -1.10
C ILE B 233 -10.07 10.48 -0.69
N ALA B 234 -10.47 10.57 0.56
CA ALA B 234 -11.60 9.80 0.99
C ALA B 234 -12.84 10.19 0.20
N ARG B 235 -13.03 11.47 -0.08
CA ARG B 235 -14.23 11.82 -0.83
C ARG B 235 -14.24 11.19 -2.20
N LYS B 236 -13.09 11.19 -2.87
CA LYS B 236 -13.05 10.65 -4.21
C LYS B 236 -13.20 9.15 -4.19
N ALA B 237 -12.55 8.49 -3.22
CA ALA B 237 -12.62 7.06 -3.14
C ALA B 237 -14.02 6.59 -2.83
N ILE B 238 -14.68 7.31 -1.94
CA ILE B 238 -16.00 6.89 -1.58
C ILE B 238 -16.96 7.10 -2.69
N LYS B 239 -16.91 8.25 -3.36
CA LYS B 239 -17.84 8.44 -4.44
C LYS B 239 -17.63 7.39 -5.51
N ALA B 240 -16.37 7.05 -5.81
CA ALA B 240 -16.14 6.05 -6.83
C ALA B 240 -16.73 4.72 -6.42
N ILE B 241 -16.60 4.37 -5.15
CA ILE B 241 -17.13 3.12 -4.69
C ILE B 241 -18.61 3.12 -4.78
N GLU B 242 -19.26 4.21 -4.38
CA GLU B 242 -20.69 4.25 -4.46
C GLU B 242 -21.17 4.12 -5.90
N MET B 243 -20.49 4.77 -6.85
CA MET B 243 -20.95 4.66 -8.22
C MET B 243 -20.91 3.23 -8.71
N LEU B 244 -19.88 2.50 -8.31
CA LEU B 244 -19.79 1.12 -8.72
C LEU B 244 -20.77 0.25 -7.95
N ALA B 245 -20.92 0.54 -6.66
CA ALA B 245 -21.78 -0.23 -5.78
C ALA B 245 -23.22 -0.20 -6.20
N LYS B 246 -23.64 0.91 -6.78
CA LYS B 246 -25.00 1.06 -7.25
C LYS B 246 -25.37 0.05 -8.32
N ASN B 247 -24.40 -0.56 -8.99
CA ASN B 247 -24.69 -1.52 -10.03
C ASN B 247 -24.73 -2.96 -9.53
N ILE B 248 -24.53 -3.16 -8.23
CA ILE B 248 -24.55 -4.47 -7.61
C ILE B 248 -25.96 -4.83 -7.21
N THR B 249 -26.45 -6.02 -7.62
CA THR B 249 -27.83 -6.39 -7.29
C THR B 249 -27.97 -7.62 -6.39
N THR B 250 -26.87 -8.10 -5.83
CA THR B 250 -26.86 -9.33 -5.03
C THR B 250 -26.90 -9.14 -3.51
N GLU B 251 -26.97 -7.90 -3.06
CA GLU B 251 -27.06 -7.49 -1.65
C GLU B 251 -25.82 -7.74 -0.79
N GLU B 252 -25.33 -8.97 -0.75
CA GLU B 252 -24.19 -9.31 0.13
C GLU B 252 -22.97 -8.47 -0.21
N TYR B 253 -22.83 -8.20 -1.49
CA TYR B 253 -21.75 -7.44 -2.01
C TYR B 253 -21.91 -5.96 -1.70
N LYS B 254 -23.16 -5.51 -1.45
CA LYS B 254 -23.40 -4.12 -1.19
C LYS B 254 -23.06 -3.89 0.26
N GLU B 255 -23.28 -4.93 1.08
CA GLU B 255 -22.96 -4.84 2.48
C GLU B 255 -21.46 -4.77 2.61
N LYS B 256 -20.76 -5.52 1.77
CA LYS B 256 -19.31 -5.46 1.80
C LYS B 256 -18.87 -4.07 1.34
N ALA B 257 -19.50 -3.53 0.29
CA ALA B 257 -19.10 -2.20 -0.15
C ALA B 257 -19.30 -1.19 0.96
N LYS B 258 -20.38 -1.33 1.73
CA LYS B 258 -20.59 -0.41 2.83
C LYS B 258 -19.50 -0.56 3.87
N LYS B 259 -19.12 -1.80 4.20
CA LYS B 259 -18.06 -1.96 5.19
C LYS B 259 -16.82 -1.26 4.72
N ILE B 260 -16.53 -1.37 3.44
CA ILE B 260 -15.35 -0.76 2.87
C ILE B 260 -15.42 0.74 2.99
N ILE B 261 -16.57 1.31 2.68
CA ILE B 261 -16.71 2.74 2.79
C ILE B 261 -16.52 3.18 4.21
N ASP B 262 -17.12 2.46 5.15
CA ASP B 262 -16.99 2.86 6.54
C ASP B 262 -15.56 2.77 7.01
N ILE B 263 -14.80 1.79 6.53
CA ILE B 263 -13.41 1.68 6.90
C ILE B 263 -12.67 2.89 6.37
N ILE B 264 -12.95 3.29 5.13
CA ILE B 264 -12.26 4.45 4.58
C ILE B 264 -12.58 5.67 5.40
N ARG B 265 -13.86 5.84 5.77
CA ARG B 265 -14.21 7.00 6.57
C ARG B 265 -13.46 6.99 7.89
N LYS B 266 -13.34 5.82 8.52
CA LYS B 266 -12.62 5.78 9.78
C LYS B 266 -11.16 6.10 9.57
N LEU B 267 -10.56 5.59 8.50
CA LEU B 267 -9.15 5.88 8.34
C LEU B 267 -8.93 7.35 8.16
N ALA B 268 -9.80 7.99 7.39
CA ALA B 268 -9.61 9.39 7.20
C ALA B 268 -9.81 10.16 8.49
N LYS B 269 -10.84 9.81 9.26
CA LYS B 269 -11.08 10.55 10.48
C LYS B 269 -10.01 10.37 11.52
N MET B 270 -9.52 9.16 11.65
CA MET B 270 -8.53 8.90 12.68
C MET B 270 -7.22 9.56 12.31
N ALA B 271 -6.85 9.48 11.03
CA ALA B 271 -5.60 10.09 10.61
C ALA B 271 -5.68 11.58 10.80
N ILE B 272 -6.84 12.15 10.50
CA ILE B 272 -6.99 13.57 10.65
C ILE B 272 -6.93 13.96 12.10
N LYS B 273 -7.64 13.27 12.98
CA LYS B 273 -7.61 13.70 14.36
C LYS B 273 -6.20 13.72 14.90
N LYS B 274 -5.41 12.72 14.56
CA LYS B 274 -4.06 12.70 15.07
C LYS B 274 -3.25 13.87 14.52
N LEU B 275 -3.44 14.18 13.25
CA LEU B 275 -2.71 15.30 12.66
C LEU B 275 -3.18 16.62 13.26
N GLU B 276 -4.47 16.74 13.59
CA GLU B 276 -4.98 17.96 14.18
C GLU B 276 -4.37 18.21 15.56
N ASP B 277 -4.21 17.13 16.34
CA ASP B 277 -3.64 17.29 17.68
C ASP B 277 -2.18 17.74 17.63
N ASN B 278 -1.43 17.24 16.66
CA ASN B 278 -0.04 17.64 16.56
C ASN B 278 0.10 19.16 16.64
#